data_7BC1
#
_entry.id   7BC1
#
_cell.length_a   82.853
_cell.length_b   82.853
_cell.length_c   77.255
_cell.angle_alpha   90.000
_cell.angle_beta   90.000
_cell.angle_gamma   120.000
#
_symmetry.space_group_name_H-M   'P 63'
#
loop_
_entity.id
_entity.type
_entity.pdbx_description
1 polymer 'Aryl-alcohol dehydrogenase'
2 non-polymer 'NADP NICOTINAMIDE-ADENINE-DINUCLEOTIDE PHOSPHATE'
3 non-polymer alpha-D-glucopyranose
4 water water
#
_entity_poly.entity_id   1
_entity_poly.type   'polypeptide(L)'
_entity_poly.pdbx_seq_one_letter_code
;MGSSHHHHHHSSGLEVLFQGPAMQRIALSDKLELSRIVYGMWRIGDDADTSPAHVQAKIEACLAQGITTMDQADIYGGYT
AEAILGGGLKAAPGLRDKIEIVTKCGIVAPAGRHSSARVKHYDTTAGHINVSVEASLRDMGTDHVDLLLIHRPDPLIDAE
ETGKALDALVASGKVKAVGVSNFRPWDFSLLQSAMSNRLVTNQIEMSLLATDTFTNGDLAYLQEKRVSPMAWSPLGGGSL
FSGAYGGTMAALQRIGKEQGVDATAVAIAWLLRHPAKIVPVLGTNNLERIRTAADALRVTMDRQTWFELYTLAIGKEVA
;
_entity_poly.pdbx_strand_id   A
#
# COMPACT_ATOMS: atom_id res chain seq x y z
N MET A 23 7.61 15.50 6.33
CA MET A 23 6.69 14.53 5.62
C MET A 23 5.30 15.16 5.47
N GLN A 24 4.78 15.14 4.25
CA GLN A 24 3.40 15.49 3.89
C GLN A 24 2.51 14.40 4.50
N ARG A 25 1.39 14.83 5.03
CA ARG A 25 0.29 13.92 5.41
C ARG A 25 -0.75 14.05 4.32
N ILE A 26 -1.66 13.08 4.22
CA ILE A 26 -2.75 13.07 3.24
C ILE A 26 -4.02 12.59 3.94
N ALA A 27 -5.01 13.46 4.05
CA ALA A 27 -6.30 13.10 4.66
C ALA A 27 -7.13 12.32 3.65
N LEU A 28 -7.31 11.02 3.89
CA LEU A 28 -8.19 10.17 3.05
C LEU A 28 -9.65 10.36 3.44
N SER A 29 -9.89 10.76 4.68
CA SER A 29 -11.24 11.09 5.16
C SER A 29 -11.10 11.95 6.42
N ASP A 30 -12.24 12.22 7.02
CA ASP A 30 -12.28 12.89 8.34
C ASP A 30 -11.78 11.95 9.44
N LYS A 31 -11.60 10.65 9.16
CA LYS A 31 -11.25 9.63 10.16
C LYS A 31 -9.87 9.04 9.89
N LEU A 32 -9.25 9.39 8.79
CA LEU A 32 -8.00 8.70 8.36
C LEU A 32 -7.09 9.67 7.63
N GLU A 33 -5.91 9.86 8.21
CA GLU A 33 -4.80 10.60 7.59
C GLU A 33 -3.60 9.67 7.56
N LEU A 34 -2.98 9.56 6.40
CA LEU A 34 -1.78 8.73 6.22
C LEU A 34 -0.56 9.62 6.03
N SER A 35 0.61 9.06 6.20
CA SER A 35 1.84 9.66 5.66
C SER A 35 1.80 9.53 4.13
N ARG A 36 2.38 10.50 3.40
CA ARG A 36 2.30 10.51 1.93
C ARG A 36 3.07 9.34 1.35
N ILE A 37 4.12 8.94 2.03
CA ILE A 37 4.85 7.67 1.73
C ILE A 37 4.48 6.69 2.83
N VAL A 38 4.17 5.47 2.46
CA VAL A 38 3.73 4.38 3.36
C VAL A 38 4.81 3.30 3.37
N TYR A 39 4.95 2.61 4.49
CA TYR A 39 5.92 1.50 4.61
C TYR A 39 5.19 0.18 4.51
N GLY A 40 5.63 -0.71 3.60
CA GLY A 40 4.92 -1.95 3.38
C GLY A 40 5.60 -3.14 4.03
N MET A 41 4.80 -4.05 4.59
CA MET A 41 5.37 -5.19 5.36
C MET A 41 5.08 -6.54 4.70
N TRP A 42 4.76 -6.57 3.41
CA TRP A 42 4.62 -7.81 2.62
C TRP A 42 5.79 -8.74 2.94
N ARG A 43 6.98 -8.16 3.04
CA ARG A 43 8.25 -8.94 3.08
C ARG A 43 8.80 -9.02 4.53
N ILE A 44 8.04 -8.60 5.53
CA ILE A 44 8.59 -8.51 6.92
C ILE A 44 9.03 -9.90 7.37
N GLY A 45 8.33 -10.94 6.95
CA GLY A 45 8.66 -12.34 7.28
C GLY A 45 9.77 -12.89 6.40
N ASP A 46 10.13 -12.21 5.31
CA ASP A 46 11.26 -12.68 4.43
C ASP A 46 12.58 -12.31 5.09
N ASP A 47 12.58 -11.33 6.01
CA ASP A 47 13.77 -10.91 6.78
C ASP A 47 14.02 -12.08 7.74
N ALA A 48 15.21 -12.70 7.67
CA ALA A 48 15.59 -13.81 8.57
C ALA A 48 15.47 -13.36 10.04
N ASP A 49 15.45 -12.04 10.32
CA ASP A 49 15.27 -11.51 11.69
C ASP A 49 13.86 -10.93 11.79
N THR A 50 13.02 -11.57 12.61
CA THR A 50 11.60 -11.21 12.85
C THR A 50 11.41 -10.87 14.33
N SER A 51 12.52 -10.59 15.03
CA SER A 51 12.55 -10.26 16.46
C SER A 51 11.83 -8.93 16.70
N PRO A 52 11.16 -8.78 17.87
CA PRO A 52 10.51 -7.53 18.24
C PRO A 52 11.38 -6.28 18.10
N ALA A 53 12.64 -6.36 18.55
CA ALA A 53 13.60 -5.25 18.44
C ALA A 53 13.80 -4.85 16.97
N HIS A 54 13.99 -5.80 16.06
CA HIS A 54 14.23 -5.53 14.61
C HIS A 54 12.98 -4.92 13.97
N VAL A 55 11.79 -5.36 14.35
CA VAL A 55 10.50 -4.78 13.84
C VAL A 55 10.40 -3.34 14.33
N GLN A 56 10.74 -3.11 15.60
CA GLN A 56 10.68 -1.77 16.23
C GLN A 56 11.69 -0.86 15.52
N ALA A 57 12.85 -1.40 15.16
CA ALA A 57 13.92 -0.59 14.53
C ALA A 57 13.41 -0.09 13.17
N LYS A 58 12.72 -0.97 12.43
CA LYS A 58 12.17 -0.57 11.11
C LYS A 58 11.14 0.51 11.32
N ILE A 59 10.23 0.31 12.27
CA ILE A 59 9.17 1.31 12.50
C ILE A 59 9.81 2.62 12.95
N GLU A 60 10.82 2.57 13.82
CA GLU A 60 11.40 3.82 14.39
C GLU A 60 12.10 4.57 13.26
N ALA A 61 12.76 3.84 12.38
CA ALA A 61 13.45 4.45 11.22
C ALA A 61 12.43 5.16 10.29
N CYS A 62 11.23 4.60 10.12
CA CYS A 62 10.12 5.25 9.36
C CYS A 62 9.68 6.51 10.11
N LEU A 63 9.44 6.40 11.40
CA LEU A 63 8.89 7.54 12.20
C LEU A 63 9.88 8.72 12.15
N ALA A 64 11.16 8.43 12.17
CA ALA A 64 12.25 9.43 12.17
C ALA A 64 12.11 10.30 10.93
N GLN A 65 11.50 9.79 9.85
CA GLN A 65 11.24 10.54 8.61
C GLN A 65 9.78 10.92 8.39
N GLY A 66 8.94 10.78 9.41
CA GLY A 66 7.51 11.14 9.37
C GLY A 66 6.69 10.12 8.61
N ILE A 67 7.25 8.96 8.27
CA ILE A 67 6.48 7.82 7.70
C ILE A 67 5.85 7.06 8.85
N THR A 68 4.52 7.17 8.96
CA THR A 68 3.76 6.66 10.10
C THR A 68 2.82 5.52 9.70
N THR A 69 2.57 5.33 8.41
CA THR A 69 1.57 4.35 7.94
C THR A 69 2.27 3.05 7.60
N MET A 70 1.77 1.95 8.14
CA MET A 70 2.32 0.59 7.92
C MET A 70 1.27 -0.23 7.15
N ASP A 71 1.66 -0.88 6.08
CA ASP A 71 0.69 -1.62 5.22
C ASP A 71 0.90 -3.13 5.42
N GLN A 72 -0.17 -3.79 5.83
CA GLN A 72 -0.21 -5.21 6.19
C GLN A 72 -1.34 -5.93 5.42
N ALA A 73 -1.43 -7.24 5.63
CA ALA A 73 -2.58 -8.04 5.15
C ALA A 73 -2.65 -9.27 6.03
N ASP A 74 -3.85 -9.86 6.11
CA ASP A 74 -3.98 -11.15 6.84
C ASP A 74 -3.06 -12.24 6.28
N ILE A 75 -2.98 -12.39 4.98
CA ILE A 75 -2.26 -13.51 4.33
C ILE A 75 -0.74 -13.34 4.34
N TYR A 76 -0.21 -12.14 4.59
CA TYR A 76 1.24 -11.89 4.43
C TYR A 76 2.04 -12.82 5.35
N GLY A 77 3.19 -13.26 4.85
CA GLY A 77 4.09 -14.16 5.59
C GLY A 77 3.44 -15.51 5.89
N GLY A 78 2.66 -16.05 4.96
CA GLY A 78 1.90 -17.30 5.20
C GLY A 78 1.09 -17.18 6.49
N TYR A 79 0.36 -16.06 6.61
CA TYR A 79 -0.47 -15.65 7.75
C TYR A 79 0.38 -15.42 9.01
N THR A 80 1.64 -15.03 8.91
CA THR A 80 2.45 -14.69 10.13
C THR A 80 2.88 -13.22 10.19
N ALA A 81 2.76 -12.42 9.11
CA ALA A 81 3.39 -11.09 9.07
C ALA A 81 2.74 -10.16 10.11
N GLU A 82 1.44 -10.27 10.32
CA GLU A 82 0.76 -9.38 11.33
C GLU A 82 1.17 -9.78 12.76
N ALA A 83 1.36 -11.07 13.02
CA ALA A 83 1.88 -11.55 14.32
C ALA A 83 3.33 -11.06 14.52
N ILE A 84 4.17 -11.10 13.48
CA ILE A 84 5.54 -10.53 13.56
C ILE A 84 5.49 -9.04 13.90
N LEU A 85 4.63 -8.28 13.24
CA LEU A 85 4.47 -6.86 13.65
C LEU A 85 4.00 -6.79 15.11
N GLY A 86 3.03 -7.62 15.47
CA GLY A 86 2.47 -7.68 16.83
C GLY A 86 3.55 -7.91 17.86
N GLY A 87 4.56 -8.71 17.54
CA GLY A 87 5.68 -8.90 18.50
C GLY A 87 6.39 -7.59 18.83
N GLY A 88 6.66 -6.77 17.80
CA GLY A 88 7.22 -5.43 17.95
C GLY A 88 6.32 -4.57 18.78
N LEU A 89 5.05 -4.46 18.39
CA LEU A 89 4.13 -3.50 19.07
C LEU A 89 3.93 -3.87 20.54
N LYS A 90 3.70 -5.15 20.78
CA LYS A 90 3.32 -5.67 22.13
C LYS A 90 4.47 -5.39 23.12
N ALA A 91 5.71 -5.37 22.64
CA ALA A 91 6.93 -5.12 23.45
C ALA A 91 7.28 -3.62 23.54
N ALA A 92 6.47 -2.73 22.96
CA ALA A 92 6.77 -1.28 22.92
C ALA A 92 5.50 -0.49 23.18
N PRO A 93 5.13 -0.32 24.46
CA PRO A 93 3.95 0.46 24.82
C PRO A 93 3.98 1.85 24.19
N GLY A 94 2.85 2.24 23.58
CA GLY A 94 2.70 3.55 22.92
C GLY A 94 3.12 3.53 21.46
N LEU A 95 3.83 2.49 20.98
CA LEU A 95 4.31 2.50 19.59
C LEU A 95 3.12 2.41 18.61
N ARG A 96 2.14 1.54 18.88
CA ARG A 96 0.98 1.40 17.96
C ARG A 96 0.29 2.76 17.83
N ASP A 97 0.22 3.56 18.90
CA ASP A 97 -0.49 4.86 18.82
C ASP A 97 0.29 5.91 18.03
N LYS A 98 1.49 5.61 17.56
CA LYS A 98 2.25 6.54 16.69
C LYS A 98 2.04 6.23 15.20
N ILE A 99 1.42 5.09 14.91
CA ILE A 99 1.33 4.58 13.51
C ILE A 99 -0.13 4.46 13.09
N GLU A 100 -0.33 4.47 11.76
CA GLU A 100 -1.58 3.97 11.13
C GLU A 100 -1.32 2.56 10.63
N ILE A 101 -2.26 1.66 10.88
CA ILE A 101 -2.18 0.28 10.33
C ILE A 101 -3.22 0.12 9.24
N VAL A 102 -2.73 -0.29 8.08
CA VAL A 102 -3.60 -0.71 6.96
C VAL A 102 -3.55 -2.23 6.95
N THR A 103 -4.70 -2.90 6.93
CA THR A 103 -4.72 -4.38 6.71
C THR A 103 -5.69 -4.70 5.57
N LYS A 104 -5.71 -5.96 5.18
CA LYS A 104 -6.52 -6.41 4.02
C LYS A 104 -7.12 -7.76 4.37
N CYS A 105 -8.21 -8.09 3.69
CA CYS A 105 -8.83 -9.42 3.77
C CYS A 105 -9.48 -9.72 2.42
N GLY A 106 -9.80 -11.01 2.19
CA GLY A 106 -10.53 -11.43 1.00
C GLY A 106 -9.82 -12.54 0.27
N ILE A 107 -8.52 -12.71 0.50
CA ILE A 107 -7.82 -13.86 -0.17
C ILE A 107 -7.70 -15.00 0.84
N VAL A 108 -7.95 -16.21 0.37
CA VAL A 108 -7.75 -17.43 1.19
C VAL A 108 -6.72 -18.28 0.45
N ALA A 109 -5.55 -18.43 1.05
CA ALA A 109 -4.38 -19.04 0.39
C ALA A 109 -4.10 -20.39 1.05
N PRO A 110 -3.91 -21.47 0.26
CA PRO A 110 -3.45 -22.74 0.82
C PRO A 110 -2.12 -22.47 1.55
N ALA A 111 -1.95 -23.08 2.72
CA ALA A 111 -0.76 -22.91 3.60
C ALA A 111 -0.26 -24.29 4.10
N HIS A 114 -3.35 -30.14 6.51
CA HIS A 114 -4.61 -30.88 6.18
C HIS A 114 -5.83 -29.92 6.18
N SER A 115 -5.82 -28.89 7.05
CA SER A 115 -6.94 -27.94 7.31
C SER A 115 -6.86 -26.73 6.36
N SER A 116 -5.82 -26.71 5.52
CA SER A 116 -5.60 -25.67 4.50
C SER A 116 -6.71 -25.78 3.45
N ALA A 117 -7.14 -24.64 2.93
CA ALA A 117 -7.99 -24.54 1.73
C ALA A 117 -7.42 -25.43 0.62
N ARG A 118 -8.29 -26.09 -0.14
CA ARG A 118 -7.92 -26.99 -1.25
C ARG A 118 -7.60 -26.17 -2.53
N VAL A 119 -8.04 -24.92 -2.64
CA VAL A 119 -7.77 -24.06 -3.83
C VAL A 119 -7.66 -22.61 -3.35
N LYS A 120 -6.74 -21.85 -3.92
CA LYS A 120 -6.69 -20.38 -3.66
C LYS A 120 -8.00 -19.79 -4.12
N HIS A 121 -8.65 -19.02 -3.25
CA HIS A 121 -9.96 -18.44 -3.62
C HIS A 121 -10.13 -17.11 -2.93
N TYR A 122 -11.24 -16.44 -3.24
CA TYR A 122 -11.61 -15.19 -2.54
C TYR A 122 -12.76 -15.50 -1.61
N ASP A 123 -12.79 -14.77 -0.50
CA ASP A 123 -13.90 -14.87 0.45
C ASP A 123 -14.16 -13.48 0.99
N THR A 124 -15.24 -12.91 0.51
CA THR A 124 -15.67 -11.56 0.86
C THR A 124 -16.95 -11.64 1.68
N THR A 125 -17.22 -12.78 2.28
CA THR A 125 -18.41 -12.95 3.15
C THR A 125 -18.28 -12.11 4.41
N ALA A 126 -19.40 -11.66 4.97
CA ALA A 126 -19.37 -10.96 6.26
C ALA A 126 -18.63 -11.79 7.32
N GLY A 127 -18.91 -13.08 7.41
CA GLY A 127 -18.25 -13.94 8.40
C GLY A 127 -16.74 -13.94 8.23
N HIS A 128 -16.23 -14.10 6.99
CA HIS A 128 -14.77 -14.18 6.78
C HIS A 128 -14.13 -12.83 7.11
N ILE A 129 -14.73 -11.74 6.64
CA ILE A 129 -14.22 -10.38 6.92
C ILE A 129 -14.09 -10.18 8.43
N ASN A 130 -15.16 -10.54 9.16
CA ASN A 130 -15.17 -10.34 10.62
C ASN A 130 -14.08 -11.20 11.25
N VAL A 131 -13.95 -12.45 10.84
CA VAL A 131 -12.95 -13.39 11.42
C VAL A 131 -11.55 -12.84 11.09
N SER A 132 -11.32 -12.38 9.86
CA SER A 132 -10.00 -11.82 9.46
C SER A 132 -9.64 -10.62 10.32
N VAL A 133 -10.59 -9.67 10.54
CA VAL A 133 -10.32 -8.44 11.33
C VAL A 133 -10.02 -8.85 12.79
N GLU A 134 -10.81 -9.76 13.37
CA GLU A 134 -10.58 -10.17 14.78
C GLU A 134 -9.18 -10.78 14.90
N ALA A 135 -8.75 -11.63 13.96
CA ALA A 135 -7.41 -12.23 14.05
C ALA A 135 -6.36 -11.13 13.90
N SER A 136 -6.59 -10.14 13.03
CA SER A 136 -5.66 -9.01 12.80
C SER A 136 -5.49 -8.23 14.09
N LEU A 137 -6.59 -7.96 14.78
CA LEU A 137 -6.58 -7.19 16.04
C LEU A 137 -5.83 -7.96 17.14
N ARG A 138 -6.10 -9.27 17.27
CA ARG A 138 -5.38 -10.14 18.25
C ARG A 138 -3.89 -10.20 17.88
N ASP A 139 -3.53 -10.41 16.62
CA ASP A 139 -2.11 -10.65 16.22
C ASP A 139 -1.29 -9.37 16.43
N MET A 140 -1.87 -8.19 16.18
CA MET A 140 -1.15 -6.91 16.26
C MET A 140 -1.31 -6.27 17.65
N GLY A 141 -2.19 -6.83 18.49
CA GLY A 141 -2.35 -6.40 19.89
C GLY A 141 -3.03 -5.06 20.01
N THR A 142 -4.04 -4.79 19.17
CA THR A 142 -4.74 -3.49 19.18
C THR A 142 -6.24 -3.75 19.08
N ASP A 143 -7.02 -2.75 19.49
CA ASP A 143 -8.48 -2.79 19.42
C ASP A 143 -8.99 -2.21 18.10
N HIS A 144 -8.14 -1.67 17.20
CA HIS A 144 -8.62 -1.07 15.93
C HIS A 144 -7.53 -1.10 14.86
N VAL A 145 -7.95 -1.15 13.60
CA VAL A 145 -7.03 -0.82 12.48
C VAL A 145 -7.50 0.50 11.89
N ASP A 146 -6.60 1.17 11.17
CA ASP A 146 -6.89 2.50 10.58
C ASP A 146 -7.61 2.33 9.24
N LEU A 147 -7.24 1.32 8.44
CA LEU A 147 -7.79 1.12 7.10
C LEU A 147 -7.85 -0.37 6.83
N LEU A 148 -9.00 -0.84 6.39
CA LEU A 148 -9.21 -2.22 5.90
C LEU A 148 -9.51 -2.16 4.39
N LEU A 149 -8.77 -2.94 3.62
CA LEU A 149 -8.99 -3.07 2.16
C LEU A 149 -9.49 -4.48 1.83
N ILE A 150 -10.45 -4.57 0.93
CA ILE A 150 -10.72 -5.83 0.20
C ILE A 150 -9.53 -6.06 -0.72
N HIS A 151 -8.85 -7.18 -0.60
CA HIS A 151 -7.50 -7.36 -1.15
C HIS A 151 -7.47 -7.50 -2.67
N ARG A 152 -8.47 -8.16 -3.21
CA ARG A 152 -8.62 -8.40 -4.65
C ARG A 152 -10.11 -8.33 -5.00
N PRO A 153 -10.44 -7.90 -6.22
CA PRO A 153 -11.81 -7.98 -6.67
C PRO A 153 -12.22 -9.45 -6.76
N ASP A 154 -13.41 -9.73 -6.30
CA ASP A 154 -13.94 -11.12 -6.13
C ASP A 154 -15.01 -11.34 -7.19
N PRO A 155 -14.76 -12.21 -8.20
CA PRO A 155 -15.77 -12.49 -9.22
C PRO A 155 -17.11 -13.02 -8.70
N LEU A 156 -17.14 -13.50 -7.45
CA LEU A 156 -18.31 -14.07 -6.77
C LEU A 156 -18.82 -13.08 -5.73
N ILE A 157 -18.42 -11.81 -5.81
CA ILE A 157 -18.81 -10.87 -4.73
C ILE A 157 -20.33 -10.72 -4.67
N ASP A 158 -20.87 -10.73 -3.44
CA ASP A 158 -22.22 -10.20 -3.15
C ASP A 158 -21.97 -8.82 -2.56
N ALA A 159 -22.12 -7.76 -3.37
CA ALA A 159 -21.74 -6.39 -2.95
C ALA A 159 -22.60 -6.00 -1.75
N GLU A 160 -23.84 -6.47 -1.72
CA GLU A 160 -24.74 -6.04 -0.61
C GLU A 160 -24.20 -6.60 0.72
N GLU A 161 -23.84 -7.89 0.75
CA GLU A 161 -23.31 -8.56 1.94
C GLU A 161 -21.98 -7.90 2.33
N THR A 162 -21.04 -7.76 1.39
CA THR A 162 -19.70 -7.20 1.69
C THR A 162 -19.81 -5.74 2.14
N GLY A 163 -20.61 -4.94 1.44
CA GLY A 163 -20.84 -3.52 1.75
C GLY A 163 -21.36 -3.37 3.15
N LYS A 164 -22.39 -4.17 3.50
CA LYS A 164 -23.04 -4.06 4.83
C LYS A 164 -22.03 -4.43 5.95
N ALA A 165 -21.20 -5.46 5.74
CA ALA A 165 -20.12 -5.92 6.67
C ALA A 165 -19.05 -4.84 6.84
N LEU A 166 -18.64 -4.17 5.76
CA LEU A 166 -17.62 -3.08 5.85
C LEU A 166 -18.22 -1.90 6.61
N ASP A 167 -19.43 -1.52 6.28
CA ASP A 167 -20.09 -0.40 7.00
C ASP A 167 -20.16 -0.72 8.50
N ALA A 168 -20.54 -1.95 8.85
CA ALA A 168 -20.72 -2.38 10.25
C ALA A 168 -19.38 -2.31 10.98
N LEU A 169 -18.29 -2.68 10.32
CA LEU A 169 -16.94 -2.59 10.95
C LEU A 169 -16.55 -1.13 11.21
N VAL A 170 -16.87 -0.22 10.32
CA VAL A 170 -16.59 1.22 10.56
C VAL A 170 -17.45 1.66 11.77
N ALA A 171 -18.71 1.28 11.79
CA ALA A 171 -19.64 1.68 12.88
C ALA A 171 -19.09 1.20 14.23
N SER A 172 -18.50 -0.01 14.30
CA SER A 172 -18.04 -0.67 15.54
C SER A 172 -16.82 0.07 16.12
N GLY A 173 -16.17 0.92 15.32
CA GLY A 173 -14.87 1.53 15.68
C GLY A 173 -13.68 0.59 15.52
N LYS A 174 -13.86 -0.65 15.12
CA LYS A 174 -12.71 -1.57 14.95
C LYS A 174 -11.90 -1.14 13.72
N VAL A 175 -12.54 -0.49 12.76
CA VAL A 175 -11.93 -0.09 11.47
C VAL A 175 -12.24 1.38 11.28
N LYS A 176 -11.23 2.24 11.10
CA LYS A 176 -11.51 3.70 10.97
C LYS A 176 -12.04 4.02 9.55
N ALA A 177 -11.58 3.31 8.53
CA ALA A 177 -11.97 3.62 7.14
C ALA A 177 -11.78 2.34 6.32
N VAL A 178 -12.46 2.30 5.19
CA VAL A 178 -12.42 1.12 4.29
C VAL A 178 -12.05 1.53 2.87
N GLY A 179 -11.35 0.65 2.17
CA GLY A 179 -11.10 0.84 0.74
C GLY A 179 -10.92 -0.50 0.08
N VAL A 180 -10.37 -0.47 -1.11
CA VAL A 180 -10.22 -1.70 -1.93
C VAL A 180 -8.81 -1.77 -2.50
N SER A 181 -8.52 -2.88 -3.16
CA SER A 181 -7.18 -3.10 -3.75
C SER A 181 -7.32 -3.92 -5.02
N ASN A 182 -6.65 -3.47 -6.09
CA ASN A 182 -6.64 -4.14 -7.40
C ASN A 182 -8.02 -4.13 -8.04
N PHE A 183 -8.91 -3.26 -7.57
CA PHE A 183 -10.26 -3.21 -8.18
C PHE A 183 -10.19 -2.47 -9.51
N ARG A 184 -10.97 -2.95 -10.50
CA ARG A 184 -11.22 -2.17 -11.72
C ARG A 184 -12.26 -1.12 -11.38
N PRO A 185 -12.39 -0.05 -12.19
CA PRO A 185 -13.42 0.96 -11.88
C PRO A 185 -14.84 0.38 -11.67
N TRP A 186 -15.23 -0.59 -12.49
CA TRP A 186 -16.55 -1.23 -12.37
C TRP A 186 -16.70 -1.99 -11.03
N ASP A 187 -15.62 -2.60 -10.54
CA ASP A 187 -15.59 -3.30 -9.22
C ASP A 187 -15.77 -2.28 -8.11
N PHE A 188 -15.06 -1.16 -8.22
CA PHE A 188 -15.10 -0.06 -7.23
C PHE A 188 -16.52 0.48 -7.20
N SER A 189 -17.08 0.78 -8.39
CA SER A 189 -18.47 1.32 -8.51
C SER A 189 -19.50 0.36 -7.88
N LEU A 190 -19.39 -0.91 -8.19
CA LEU A 190 -20.37 -1.90 -7.67
C LEU A 190 -20.32 -1.94 -6.14
N LEU A 191 -19.15 -2.11 -5.52
CA LEU A 191 -19.10 -2.18 -4.04
C LEU A 191 -19.53 -0.83 -3.45
N GLN A 192 -19.08 0.29 -3.98
CA GLN A 192 -19.47 1.61 -3.41
C GLN A 192 -20.99 1.77 -3.48
N SER A 193 -21.64 1.22 -4.51
CA SER A 193 -23.13 1.35 -4.67
C SER A 193 -23.88 0.69 -3.51
N ALA A 194 -23.26 -0.23 -2.76
CA ALA A 194 -23.89 -1.05 -1.70
C ALA A 194 -23.47 -0.55 -0.30
N MET A 195 -22.79 0.59 -0.23
CA MET A 195 -22.16 1.06 1.03
C MET A 195 -22.55 2.50 1.35
N SER A 196 -22.76 2.77 2.64
CA SER A 196 -22.86 4.13 3.22
C SER A 196 -21.49 4.81 3.27
N ASN A 197 -20.50 4.13 3.85
CA ASN A 197 -19.14 4.71 3.94
C ASN A 197 -18.55 4.89 2.55
N ARG A 198 -17.80 5.96 2.36
CA ARG A 198 -17.02 6.17 1.12
C ARG A 198 -15.79 5.26 1.16
N LEU A 199 -15.53 4.55 0.07
CA LEU A 199 -14.25 3.84 -0.10
C LEU A 199 -13.15 4.88 -0.31
N VAL A 200 -12.11 4.86 0.50
CA VAL A 200 -11.15 5.99 0.59
C VAL A 200 -9.93 5.80 -0.25
N THR A 201 -9.69 4.62 -0.80
CA THR A 201 -8.54 4.37 -1.67
C THR A 201 -8.81 3.12 -2.51
N ASN A 202 -7.97 2.96 -3.52
CA ASN A 202 -7.77 1.73 -4.30
C ASN A 202 -6.27 1.52 -4.36
N GLN A 203 -5.81 0.43 -3.77
CA GLN A 203 -4.37 0.13 -3.71
C GLN A 203 -4.03 -0.70 -4.94
N ILE A 204 -3.26 -0.14 -5.88
CA ILE A 204 -3.04 -0.71 -7.23
C ILE A 204 -1.56 -0.63 -7.55
N GLU A 205 -1.11 -1.52 -8.42
CA GLU A 205 0.29 -1.52 -8.83
C GLU A 205 0.52 -0.27 -9.72
N MET A 206 1.47 0.57 -9.33
CA MET A 206 1.87 1.75 -10.12
C MET A 206 3.39 1.96 -9.96
N SER A 207 4.08 2.12 -11.08
CA SER A 207 5.56 2.30 -11.08
C SER A 207 6.01 2.64 -12.49
N LEU A 208 7.29 2.97 -12.61
CA LEU A 208 7.89 3.13 -13.96
C LEU A 208 7.91 1.79 -14.69
N LEU A 209 7.59 0.67 -14.06
CA LEU A 209 7.48 -0.62 -14.77
C LEU A 209 6.02 -0.96 -15.06
N ALA A 210 5.05 -0.30 -14.43
CA ALA A 210 3.62 -0.64 -14.49
C ALA A 210 2.85 0.64 -14.70
N THR A 211 2.73 1.05 -15.96
CA THR A 211 2.16 2.37 -16.37
C THR A 211 0.74 2.30 -16.96
N ASP A 212 0.10 1.13 -17.05
CA ASP A 212 -1.15 1.02 -17.83
C ASP A 212 -2.22 1.89 -17.21
N THR A 213 -2.24 2.03 -15.90
CA THR A 213 -3.35 2.74 -15.23
C THR A 213 -3.37 4.22 -15.62
N PHE A 214 -2.26 4.81 -16.06
CA PHE A 214 -2.20 6.27 -16.41
C PHE A 214 -3.03 6.52 -17.68
N THR A 215 -3.23 5.51 -18.54
CA THR A 215 -3.96 5.69 -19.83
C THR A 215 -5.24 4.84 -19.95
N ASN A 216 -5.43 3.77 -19.18
CA ASN A 216 -6.49 2.76 -19.46
C ASN A 216 -7.77 3.04 -18.70
N GLY A 217 -7.83 4.16 -18.01
CA GLY A 217 -9.06 4.59 -17.32
C GLY A 217 -9.03 4.28 -15.84
N ASP A 218 -8.10 3.42 -15.37
CA ASP A 218 -8.08 3.06 -13.93
C ASP A 218 -7.71 4.27 -13.07
N LEU A 219 -6.72 5.05 -13.45
CA LEU A 219 -6.35 6.23 -12.66
C LEU A 219 -7.33 7.37 -12.89
N ALA A 220 -7.75 7.60 -14.14
CA ALA A 220 -8.73 8.67 -14.45
C ALA A 220 -9.96 8.53 -13.57
N TYR A 221 -10.46 7.31 -13.44
CA TYR A 221 -11.66 7.05 -12.62
C TYR A 221 -11.43 7.58 -11.20
N LEU A 222 -10.33 7.22 -10.56
CA LEU A 222 -10.03 7.63 -9.16
C LEU A 222 -9.78 9.13 -9.08
N GLN A 223 -9.13 9.69 -10.11
CA GLN A 223 -8.82 11.13 -10.12
C GLN A 223 -10.15 11.91 -10.19
N GLU A 224 -11.09 11.45 -11.02
CA GLU A 224 -12.39 12.11 -11.15
C GLU A 224 -13.13 12.06 -9.82
N LYS A 225 -13.06 10.93 -9.12
CA LYS A 225 -13.74 10.76 -7.81
C LYS A 225 -12.95 11.43 -6.67
N ARG A 226 -11.77 12.00 -6.89
CA ARG A 226 -10.90 12.62 -5.86
C ARG A 226 -10.52 11.54 -4.84
N VAL A 227 -10.24 10.33 -5.31
CA VAL A 227 -9.76 9.22 -4.46
C VAL A 227 -8.27 9.02 -4.72
N SER A 228 -7.42 9.13 -3.71
CA SER A 228 -5.96 8.86 -3.84
C SER A 228 -5.77 7.37 -4.02
N PRO A 229 -5.06 6.92 -5.06
CA PRO A 229 -4.62 5.55 -5.05
C PRO A 229 -3.41 5.38 -4.13
N MET A 230 -3.25 4.16 -3.61
CA MET A 230 -2.02 3.71 -2.96
C MET A 230 -1.27 2.87 -4.01
N ALA A 231 -0.01 3.18 -4.28
CA ALA A 231 0.76 2.43 -5.28
C ALA A 231 1.60 1.37 -4.63
N TRP A 232 1.30 0.11 -4.96
CA TRP A 232 2.11 -1.03 -4.57
C TRP A 232 3.16 -1.38 -5.62
N SER A 233 4.23 -1.98 -5.12
CA SER A 233 5.46 -2.31 -5.89
C SER A 233 5.93 -1.10 -6.71
N PRO A 234 6.16 0.07 -6.08
CA PRO A 234 6.56 1.28 -6.80
C PRO A 234 7.98 1.20 -7.34
N LEU A 235 8.74 0.19 -6.93
CA LEU A 235 10.05 -0.08 -7.56
C LEU A 235 9.95 -1.44 -8.26
N GLY A 236 8.75 -1.86 -8.67
CA GLY A 236 8.66 -3.17 -9.35
C GLY A 236 9.01 -4.34 -8.46
N GLY A 237 8.93 -4.22 -7.12
CA GLY A 237 9.38 -5.31 -6.24
C GLY A 237 10.87 -5.57 -6.32
N GLY A 238 11.67 -4.57 -6.70
CA GLY A 238 13.12 -4.71 -6.94
C GLY A 238 13.48 -4.93 -8.41
N SER A 239 12.52 -5.29 -9.26
CA SER A 239 12.74 -5.55 -10.72
C SER A 239 13.35 -4.33 -11.42
N LEU A 240 13.05 -3.11 -10.97
CA LEU A 240 13.62 -1.90 -11.61
C LEU A 240 15.16 -2.00 -11.68
N PHE A 241 15.77 -2.64 -10.68
CA PHE A 241 17.23 -2.68 -10.46
C PHE A 241 17.84 -3.91 -11.12
N SER A 242 17.05 -4.74 -11.80
CA SER A 242 17.47 -6.11 -12.23
C SER A 242 18.54 -6.05 -13.31
N GLY A 243 18.64 -4.94 -14.03
CA GLY A 243 19.48 -4.86 -15.24
C GLY A 243 18.64 -4.98 -16.51
N ALA A 244 17.35 -5.26 -16.41
CA ALA A 244 16.45 -5.31 -17.59
C ALA A 244 15.97 -3.90 -17.98
N TYR A 245 16.17 -2.85 -17.14
CA TYR A 245 15.61 -1.51 -17.40
C TYR A 245 16.73 -0.48 -17.45
N GLY A 246 17.75 -0.78 -18.24
CA GLY A 246 18.97 0.04 -18.32
C GLY A 246 18.70 1.47 -18.73
N GLY A 247 17.76 1.74 -19.65
CA GLY A 247 17.52 3.12 -20.10
C GLY A 247 16.84 3.91 -18.99
N THR A 248 15.81 3.35 -18.40
CA THR A 248 15.14 4.01 -17.25
C THR A 248 16.16 4.25 -16.12
N MET A 249 16.99 3.25 -15.78
CA MET A 249 17.94 3.36 -14.66
C MET A 249 18.98 4.44 -14.98
N ALA A 250 19.47 4.52 -16.23
CA ALA A 250 20.46 5.55 -16.61
C ALA A 250 19.89 6.94 -16.32
N ALA A 251 18.60 7.15 -16.66
CA ALA A 251 17.96 8.46 -16.48
C ALA A 251 17.74 8.73 -14.99
N LEU A 252 17.24 7.75 -14.24
CA LEU A 252 17.04 7.94 -12.78
C LEU A 252 18.38 8.27 -12.10
N GLN A 253 19.47 7.61 -12.47
CA GLN A 253 20.78 7.85 -11.84
C GLN A 253 21.27 9.27 -12.15
N ARG A 254 21.13 9.72 -13.39
CA ARG A 254 21.57 11.05 -13.81
C ARG A 254 20.79 12.09 -13.01
N ILE A 255 19.46 11.94 -12.92
CA ILE A 255 18.63 12.94 -12.18
C ILE A 255 18.99 12.89 -10.71
N GLY A 256 19.17 11.68 -10.16
CA GLY A 256 19.58 11.51 -8.75
C GLY A 256 20.88 12.27 -8.47
N LYS A 257 21.90 12.06 -9.31
CA LYS A 257 23.22 12.73 -9.15
C LYS A 257 23.02 14.25 -9.19
N GLU A 258 22.15 14.77 -10.08
CA GLU A 258 21.91 16.23 -10.21
C GLU A 258 21.33 16.74 -8.91
N GLN A 259 20.48 15.96 -8.25
CA GLN A 259 19.71 16.52 -7.13
C GLN A 259 20.21 15.94 -5.80
N GLY A 260 21.26 15.12 -5.80
CA GLY A 260 21.89 14.64 -4.56
C GLY A 260 21.06 13.55 -3.87
N VAL A 261 20.34 12.73 -4.66
CA VAL A 261 19.57 11.58 -4.10
C VAL A 261 19.84 10.35 -4.94
N ASP A 262 19.33 9.21 -4.50
CA ASP A 262 19.51 7.96 -5.27
C ASP A 262 18.40 7.79 -6.31
N ALA A 263 18.56 6.80 -7.16
CA ALA A 263 17.63 6.45 -8.26
C ALA A 263 16.24 6.16 -7.69
N THR A 264 16.18 5.49 -6.53
CA THR A 264 14.91 5.16 -5.85
C THR A 264 14.11 6.40 -5.51
N ALA A 265 14.79 7.42 -4.99
CA ALA A 265 14.09 8.68 -4.65
C ALA A 265 13.43 9.24 -5.91
N VAL A 266 14.12 9.16 -7.05
CA VAL A 266 13.61 9.77 -8.30
C VAL A 266 12.41 8.92 -8.78
N ALA A 267 12.50 7.58 -8.68
CA ALA A 267 11.44 6.66 -9.13
C ALA A 267 10.18 6.88 -8.29
N ILE A 268 10.35 7.15 -7.02
CA ILE A 268 9.18 7.43 -6.15
C ILE A 268 8.69 8.84 -6.43
N ALA A 269 9.59 9.80 -6.65
CA ALA A 269 9.19 11.19 -6.97
C ALA A 269 8.36 11.21 -8.24
N TRP A 270 8.66 10.30 -9.18
CA TRP A 270 7.89 10.19 -10.44
C TRP A 270 6.42 9.94 -10.12
N LEU A 271 6.13 9.07 -9.16
CA LEU A 271 4.73 8.80 -8.75
C LEU A 271 4.17 10.02 -8.01
N LEU A 272 4.96 10.56 -7.08
CA LEU A 272 4.45 11.70 -6.25
C LEU A 272 4.10 12.91 -7.14
N ARG A 273 4.69 13.07 -8.30
CA ARG A 273 4.48 14.24 -9.19
C ARG A 273 3.05 14.24 -9.76
N HIS A 274 2.39 13.08 -9.80
CA HIS A 274 1.08 12.97 -10.50
C HIS A 274 0.03 13.78 -9.73
N PRO A 275 -0.83 14.55 -10.43
CA PRO A 275 -1.90 15.30 -9.76
C PRO A 275 -2.97 14.47 -9.03
N ALA A 276 -3.03 13.16 -9.26
CA ALA A 276 -4.00 12.28 -8.58
C ALA A 276 -3.60 11.98 -7.11
N LYS A 277 -2.46 12.45 -6.64
CA LYS A 277 -2.02 12.34 -5.22
C LYS A 277 -1.90 10.84 -4.90
N ILE A 278 -1.02 10.19 -5.67
CA ILE A 278 -0.61 8.81 -5.41
C ILE A 278 0.16 8.68 -4.11
N VAL A 279 -0.14 7.63 -3.35
CA VAL A 279 0.51 7.31 -2.06
C VAL A 279 1.34 6.07 -2.28
N PRO A 280 2.66 6.23 -2.50
CA PRO A 280 3.50 5.05 -2.74
C PRO A 280 3.76 4.27 -1.47
N VAL A 281 3.83 2.94 -1.64
CA VAL A 281 4.12 1.98 -0.55
C VAL A 281 5.47 1.33 -0.83
N LEU A 282 6.47 1.64 -0.01
CA LEU A 282 7.83 1.06 -0.24
C LEU A 282 7.92 -0.27 0.49
N GLY A 283 8.66 -1.23 -0.06
CA GLY A 283 8.73 -2.56 0.57
C GLY A 283 10.07 -3.01 1.11
N THR A 284 11.12 -2.17 1.04
CA THR A 284 12.48 -2.57 1.52
C THR A 284 12.47 -3.03 2.99
N ASN A 285 13.28 -4.05 3.29
CA ASN A 285 13.55 -4.47 4.70
C ASN A 285 14.94 -3.97 5.16
N ASN A 286 15.59 -3.16 4.32
CA ASN A 286 16.99 -2.69 4.53
C ASN A 286 16.96 -1.37 5.31
N LEU A 287 17.51 -1.34 6.53
CA LEU A 287 17.39 -0.14 7.39
C LEU A 287 18.08 1.09 6.75
N GLU A 288 19.14 0.86 5.97
CA GLU A 288 19.83 1.96 5.24
C GLU A 288 18.88 2.58 4.18
N ARG A 289 18.11 1.76 3.48
CA ARG A 289 17.13 2.22 2.46
C ARG A 289 15.91 2.84 3.13
N ILE A 290 15.48 2.33 4.29
CA ILE A 290 14.32 2.94 5.00
C ILE A 290 14.75 4.36 5.36
N ARG A 291 16.00 4.54 5.81
CA ARG A 291 16.51 5.84 6.32
C ARG A 291 16.44 6.96 5.28
N THR A 292 16.56 6.65 3.99
CA THR A 292 16.50 7.63 2.88
C THR A 292 15.14 7.57 2.16
N ALA A 293 14.16 6.81 2.65
CA ALA A 293 12.85 6.64 1.96
C ALA A 293 12.24 8.02 1.65
N ALA A 294 12.39 9.00 2.53
CA ALA A 294 11.72 10.31 2.39
C ALA A 294 12.48 11.23 1.42
N ASP A 295 13.64 10.83 0.88
CA ASP A 295 14.42 11.64 -0.08
C ASP A 295 13.54 11.96 -1.31
N ALA A 296 12.57 11.10 -1.62
CA ALA A 296 11.67 11.27 -2.77
C ALA A 296 11.00 12.64 -2.68
N LEU A 297 10.70 13.10 -1.46
CA LEU A 297 10.00 14.40 -1.25
C LEU A 297 10.93 15.60 -1.55
N ARG A 298 12.25 15.42 -1.61
CA ARG A 298 13.26 16.47 -1.91
C ARG A 298 13.39 16.66 -3.43
N VAL A 299 12.91 15.72 -4.25
CA VAL A 299 13.16 15.76 -5.72
C VAL A 299 12.23 16.78 -6.38
N THR A 300 12.78 17.56 -7.28
CA THR A 300 12.01 18.46 -8.18
C THR A 300 11.77 17.67 -9.45
N MET A 301 10.52 17.40 -9.77
CA MET A 301 10.22 16.60 -10.96
C MET A 301 9.34 17.47 -11.86
N ASP A 302 9.93 18.15 -12.82
CA ASP A 302 9.21 19.04 -13.74
C ASP A 302 8.44 18.17 -14.76
N ARG A 303 7.51 18.78 -15.47
CA ARG A 303 6.69 18.04 -16.49
C ARG A 303 7.59 17.38 -17.54
N GLN A 304 8.58 18.07 -18.10
CA GLN A 304 9.42 17.47 -19.18
C GLN A 304 10.14 16.22 -18.65
N THR A 305 10.66 16.27 -17.41
CA THR A 305 11.39 15.13 -16.81
C THR A 305 10.38 14.00 -16.62
N TRP A 306 9.19 14.29 -16.13
CA TRP A 306 8.16 13.23 -15.95
C TRP A 306 7.93 12.50 -17.27
N PHE A 307 7.86 13.24 -18.38
CA PHE A 307 7.64 12.63 -19.72
C PHE A 307 8.90 11.94 -20.23
N GLU A 308 10.07 12.44 -19.86
CA GLU A 308 11.32 11.72 -20.23
C GLU A 308 11.25 10.30 -19.69
N LEU A 309 10.95 10.20 -18.40
CA LEU A 309 10.90 8.88 -17.70
C LEU A 309 9.73 8.05 -18.22
N TYR A 310 8.55 8.63 -18.36
CA TYR A 310 7.36 7.94 -18.93
C TYR A 310 7.69 7.35 -20.32
N THR A 311 8.38 8.12 -21.17
CA THR A 311 8.74 7.71 -22.56
C THR A 311 9.67 6.52 -22.46
N LEU A 312 10.63 6.55 -21.53
CA LEU A 312 11.53 5.40 -21.33
C LEU A 312 10.70 4.21 -20.85
N ALA A 313 9.72 4.43 -19.97
CA ALA A 313 8.92 3.33 -19.41
C ALA A 313 8.08 2.65 -20.51
N ILE A 314 7.43 3.44 -21.38
CA ILE A 314 6.50 2.84 -22.39
C ILE A 314 7.31 2.43 -23.63
N GLY A 315 8.58 2.79 -23.70
CA GLY A 315 9.48 2.35 -24.79
C GLY A 315 9.17 3.01 -26.13
N LYS A 316 8.48 4.15 -26.15
CA LYS A 316 8.19 4.90 -27.40
C LYS A 316 7.72 6.33 -27.09
N GLU A 317 7.74 7.19 -28.09
CA GLU A 317 7.28 8.58 -27.99
C GLU A 317 5.79 8.57 -27.64
N VAL A 318 5.33 9.52 -26.86
CA VAL A 318 3.87 9.73 -26.70
C VAL A 318 3.24 10.01 -28.08
N ALA A 319 1.96 9.71 -28.25
CA ALA A 319 1.24 9.86 -29.55
C ALA A 319 1.06 11.35 -30.01
#